data_6R64
#
_entry.id   6R64
#
_cell.length_a   112.432
_cell.length_b   112.432
_cell.length_c   155.457
_cell.angle_alpha   90.00
_cell.angle_beta   90.00
_cell.angle_gamma   120.00
#
_symmetry.space_group_name_H-M   'P 61 2 2'
#
loop_
_entity.id
_entity.type
_entity.pdbx_description
1 polymer '5-methylcytosine-specific restriction enzyme A'
2 polymer "DNA (5'-D(*TP*CP*AP*CP*(5CM)P*GP*GP*TP*TP*C)-3')"
3 polymer "DNA (5'-D(*GP*AP*AP*CP*(5CM)P*GP*GP*TP*GP*A)-3')"
4 water water
#
loop_
_entity_poly.entity_id
_entity_poly.type
_entity_poly.pdbx_seq_one_letter_code
_entity_poly.pdbx_strand_id
1 'polypeptide(L)'
;GHHHHHHEFMHVFDNNGIELKAECSIGEEDGVYGLILESWGPGDRNKDYNIALDYIIERLVDSGVSQVVVYLASSSVRKH
MHSLDERKIHPGEYFTLIGNSPRDIRLKMCGYQAYFSRTGRKEIPSGNRTKRILINVPGIYSDSFWASIIRG
;
A,B
2 'polydeoxyribonucleotide' (DT)(DC)(DA)(DC)(5CM)(DG)(DG)(DT)(DT)(DC) C,E
3 'polydeoxyribonucleotide' (DG)(DA)(DA)(DC)(5CM)(DG)(DG)(DT)(DG)(DA) D,F
#
loop_
_chem_comp.id
_chem_comp.type
_chem_comp.name
_chem_comp.formula
5CM DNA linking 5-METHYL-2'-DEOXY-CYTIDINE-5'-MONOPHOSPHATE 'C10 H16 N3 O7 P'
DA DNA linking 2'-DEOXYADENOSINE-5'-MONOPHOSPHATE 'C10 H14 N5 O6 P'
DC DNA linking 2'-DEOXYCYTIDINE-5'-MONOPHOSPHATE 'C9 H14 N3 O7 P'
DG DNA linking 2'-DEOXYGUANOSINE-5'-MONOPHOSPHATE 'C10 H14 N5 O7 P'
DT DNA linking THYMIDINE-5'-MONOPHOSPHATE 'C10 H15 N2 O8 P'
#
# COMPACT_ATOMS: atom_id res chain seq x y z
N GLU A 8 -14.23 -3.24 -18.79
CA GLU A 8 -13.02 -3.30 -17.89
C GLU A 8 -13.34 -3.22 -16.39
N PHE A 9 -14.43 -2.55 -16.01
CA PHE A 9 -14.89 -2.51 -14.62
C PHE A 9 -16.02 -3.52 -14.38
N MET A 10 -16.00 -4.14 -13.21
CA MET A 10 -17.14 -4.93 -12.71
C MET A 10 -18.17 -3.97 -12.11
N HIS A 11 -19.37 -4.48 -11.86
CA HIS A 11 -20.45 -3.70 -11.28
C HIS A 11 -21.20 -4.49 -10.24
N VAL A 12 -21.89 -3.78 -9.35
CA VAL A 12 -22.77 -4.38 -8.36
C VAL A 12 -24.15 -4.51 -9.00
N PHE A 13 -24.81 -5.64 -8.75
CA PHE A 13 -26.13 -5.91 -9.29
C PHE A 13 -27.15 -5.87 -8.16
N ASP A 14 -28.35 -5.36 -8.45
CA ASP A 14 -29.42 -5.30 -7.44
C ASP A 14 -30.08 -6.67 -7.25
N ASN A 15 -31.05 -6.76 -6.35
N ASN A 15 -31.05 -6.74 -6.34
CA ASN A 15 -31.68 -8.03 -6.01
CA ASN A 15 -31.74 -7.98 -5.99
C ASN A 15 -32.49 -8.68 -7.15
C ASN A 15 -32.45 -8.67 -7.16
N ASN A 16 -32.84 -7.89 -8.18
CA ASN A 16 -33.47 -8.43 -9.41
C ASN A 16 -32.46 -8.76 -10.52
N GLY A 17 -31.16 -8.70 -10.24
CA GLY A 17 -30.12 -8.97 -11.22
C GLY A 17 -29.90 -7.86 -12.24
N ILE A 18 -30.31 -6.64 -11.91
CA ILE A 18 -30.09 -5.47 -12.77
C ILE A 18 -28.80 -4.77 -12.35
N GLU A 19 -28.03 -4.34 -13.34
CA GLU A 19 -26.73 -3.70 -13.10
C GLU A 19 -26.92 -2.27 -12.59
N LEU A 20 -26.37 -1.99 -11.41
CA LEU A 20 -26.37 -0.64 -10.84
C LEU A 20 -25.27 0.21 -11.45
N LYS A 21 -25.45 1.54 -11.42
CA LYS A 21 -24.38 2.48 -11.75
C LYS A 21 -23.42 2.54 -10.57
N ALA A 22 -22.55 1.54 -10.49
CA ALA A 22 -21.62 1.38 -9.36
C ALA A 22 -20.46 0.48 -9.75
N GLU A 23 -19.43 1.09 -10.31
CA GLU A 23 -18.20 0.41 -10.71
C GLU A 23 -17.46 -0.17 -9.52
N CYS A 24 -16.90 -1.37 -9.70
CA CYS A 24 -16.09 -2.00 -8.67
C CYS A 24 -15.08 -2.97 -9.27
N SER A 25 -14.16 -3.47 -8.43
CA SER A 25 -13.14 -4.44 -8.83
C SER A 25 -12.68 -5.27 -7.65
N ILE A 26 -12.17 -6.46 -7.94
CA ILE A 26 -11.79 -7.45 -6.93
C ILE A 26 -10.32 -7.78 -7.15
N GLY A 27 -9.51 -7.66 -6.09
CA GLY A 27 -8.08 -7.97 -6.20
C GLY A 27 -7.23 -7.43 -5.07
N GLU A 28 -5.92 -7.61 -5.21
CA GLU A 28 -4.94 -7.15 -4.23
C GLU A 28 -4.53 -5.72 -4.56
N GLU A 29 -4.65 -4.84 -3.58
CA GLU A 29 -4.19 -3.47 -3.68
C GLU A 29 -3.53 -3.09 -2.36
N ASP A 30 -2.32 -2.56 -2.43
CA ASP A 30 -1.52 -2.22 -1.24
C ASP A 30 -1.43 -3.38 -0.23
N GLY A 31 -1.25 -4.59 -0.75
CA GLY A 31 -1.14 -5.81 0.05
C GLY A 31 -2.42 -6.34 0.69
N VAL A 32 -3.56 -5.75 0.34
CA VAL A 32 -4.84 -6.10 0.94
C VAL A 32 -5.76 -6.60 -0.16
N TYR A 33 -6.29 -7.80 0.02
CA TYR A 33 -7.22 -8.38 -0.94
C TYR A 33 -8.66 -8.01 -0.58
N GLY A 34 -9.43 -7.56 -1.56
CA GLY A 34 -10.83 -7.24 -1.31
C GLY A 34 -11.56 -6.59 -2.46
N LEU A 35 -12.68 -5.96 -2.13
CA LEU A 35 -13.54 -5.28 -3.09
C LEU A 35 -13.26 -3.79 -3.03
N ILE A 36 -13.01 -3.19 -4.20
CA ILE A 36 -12.84 -1.76 -4.33
C ILE A 36 -14.07 -1.18 -4.99
N LEU A 37 -14.76 -0.27 -4.29
CA LEU A 37 -15.91 0.44 -4.84
C LEU A 37 -15.45 1.82 -5.29
N GLU A 38 -15.69 2.15 -6.55
CA GLU A 38 -15.25 3.41 -7.14
C GLU A 38 -16.11 4.59 -6.65
N SER A 39 -15.57 5.80 -6.77
CA SER A 39 -16.19 7.00 -6.19
C SER A 39 -17.40 7.49 -6.99
N TRP A 40 -18.29 8.22 -6.32
CA TRP A 40 -19.43 8.89 -6.95
C TRP A 40 -19.06 10.32 -7.32
N GLY A 41 -19.15 10.63 -8.62
CA GLY A 41 -18.97 11.97 -9.14
C GLY A 41 -17.94 12.01 -10.26
N PRO A 42 -18.03 12.98 -11.19
CA PRO A 42 -19.04 14.03 -11.21
C PRO A 42 -20.37 13.57 -11.79
N GLY A 43 -21.43 14.31 -11.46
CA GLY A 43 -22.76 14.04 -11.96
C GLY A 43 -23.25 12.65 -11.60
N ASP A 44 -23.54 11.84 -12.62
CA ASP A 44 -24.10 10.50 -12.43
C ASP A 44 -23.07 9.37 -12.45
N ARG A 45 -21.77 9.70 -12.52
CA ARG A 45 -20.72 8.67 -12.45
C ARG A 45 -20.79 7.94 -11.11
N ASN A 46 -21.18 6.67 -11.18
CA ASN A 46 -21.36 5.80 -10.01
C ASN A 46 -22.35 6.34 -8.97
N LYS A 47 -23.46 6.91 -9.45
CA LYS A 47 -24.48 7.48 -8.56
C LYS A 47 -25.19 6.48 -7.64
N ASP A 48 -25.16 5.18 -7.98
CA ASP A 48 -25.70 4.13 -7.12
C ASP A 48 -24.72 3.61 -6.05
N TYR A 49 -23.64 4.36 -5.81
CA TYR A 49 -22.68 4.08 -4.74
C TYR A 49 -23.34 3.61 -3.44
N ASN A 50 -24.27 4.41 -2.94
CA ASN A 50 -24.92 4.14 -1.66
C ASN A 50 -25.84 2.91 -1.69
N ILE A 51 -26.56 2.72 -2.79
CA ILE A 51 -27.47 1.56 -2.89
C ILE A 51 -26.61 0.31 -3.03
N ALA A 52 -25.64 0.36 -3.95
CA ALA A 52 -24.67 -0.72 -4.15
C ALA A 52 -23.96 -1.13 -2.86
N LEU A 53 -23.56 -0.14 -2.06
CA LEU A 53 -22.89 -0.38 -0.78
C LEU A 53 -23.83 -0.96 0.27
N ASP A 54 -25.10 -0.55 0.27
CA ASP A 54 -26.14 -1.17 1.10
C ASP A 54 -26.27 -2.67 0.81
N TYR A 55 -26.32 -3.02 -0.47
CA TYR A 55 -26.42 -4.42 -0.88
C TYR A 55 -25.19 -5.22 -0.47
N ILE A 56 -24.01 -4.65 -0.69
CA ILE A 56 -22.74 -5.27 -0.29
C ILE A 56 -22.76 -5.61 1.21
N ILE A 57 -23.17 -4.66 2.04
CA ILE A 57 -23.23 -4.87 3.49
C ILE A 57 -24.23 -5.98 3.84
N GLU A 58 -25.44 -5.89 3.27
CA GLU A 58 -26.51 -6.88 3.53
C GLU A 58 -26.08 -8.30 3.13
N ARG A 59 -25.49 -8.42 1.95
CA ARG A 59 -25.07 -9.72 1.42
C ARG A 59 -23.86 -10.30 2.15
N LEU A 60 -22.97 -9.43 2.63
CA LEU A 60 -21.87 -9.85 3.51
C LEU A 60 -22.42 -10.46 4.79
N VAL A 61 -23.40 -9.79 5.39
CA VAL A 61 -24.05 -10.27 6.62
C VAL A 61 -24.74 -11.61 6.37
N ASP A 62 -25.52 -11.72 5.30
CA ASP A 62 -26.17 -12.99 4.95
C ASP A 62 -25.18 -14.13 4.67
N SER A 63 -23.97 -13.80 4.23
CA SER A 63 -22.87 -14.78 4.07
C SER A 63 -22.10 -15.12 5.36
N GLY A 64 -22.55 -14.59 6.50
CA GLY A 64 -21.91 -14.85 7.80
C GLY A 64 -20.73 -13.95 8.15
N VAL A 65 -20.56 -12.84 7.44
CA VAL A 65 -19.48 -11.88 7.73
C VAL A 65 -20.05 -10.79 8.64
N SER A 66 -19.47 -10.69 9.84
CA SER A 66 -19.90 -9.69 10.83
C SER A 66 -18.96 -8.48 10.92
N GLN A 67 -17.70 -8.64 10.51
CA GLN A 67 -16.72 -7.56 10.59
C GLN A 67 -15.83 -7.46 9.35
N VAL A 68 -15.44 -6.23 9.00
CA VAL A 68 -14.60 -5.93 7.84
C VAL A 68 -13.50 -4.92 8.19
N VAL A 69 -12.60 -4.68 7.25
CA VAL A 69 -11.65 -3.56 7.33
C VAL A 69 -11.84 -2.74 6.07
N VAL A 70 -11.92 -1.42 6.23
CA VAL A 70 -12.26 -0.51 5.15
C VAL A 70 -11.18 0.55 5.06
N TYR A 71 -10.55 0.66 3.89
CA TYR A 71 -9.48 1.62 3.65
C TYR A 71 -9.93 2.69 2.66
N LEU A 72 -9.51 3.93 2.89
CA LEU A 72 -9.71 5.01 1.93
C LEU A 72 -8.66 4.78 0.84
N ALA A 73 -9.11 4.72 -0.42
CA ALA A 73 -8.27 4.28 -1.54
C ALA A 73 -8.32 5.22 -2.74
N SER A 74 -8.63 6.49 -2.49
CA SER A 74 -8.62 7.50 -3.54
C SER A 74 -7.18 7.83 -3.92
N SER A 75 -6.95 8.19 -5.18
CA SER A 75 -5.61 8.49 -5.68
C SER A 75 -4.89 9.53 -4.82
N SER A 76 -5.64 10.56 -4.40
CA SER A 76 -5.11 11.60 -3.50
C SER A 76 -4.65 11.06 -2.16
N VAL A 77 -5.51 10.30 -1.50
CA VAL A 77 -5.20 9.76 -0.16
C VAL A 77 -4.05 8.74 -0.22
N ARG A 78 -4.06 7.87 -1.24
CA ARG A 78 -2.95 6.94 -1.48
C ARG A 78 -1.61 7.66 -1.68
N LYS A 79 -1.63 8.77 -2.42
CA LYS A 79 -0.46 9.60 -2.64
C LYS A 79 0.09 10.20 -1.35
N HIS A 80 -0.77 10.87 -0.58
CA HIS A 80 -0.35 11.67 0.58
C HIS A 80 -0.28 10.93 1.92
N MET A 81 -1.10 9.89 2.10
CA MET A 81 -1.06 9.08 3.32
C MET A 81 -0.48 7.70 3.03
N HIS A 82 0.83 7.62 3.16
CA HIS A 82 1.60 6.42 2.81
C HIS A 82 1.31 5.24 3.72
N SER A 83 0.95 5.53 4.98
CA SER A 83 0.59 4.51 5.95
C SER A 83 -0.78 3.89 5.67
N LEU A 84 -0.79 2.58 5.45
CA LEU A 84 -2.04 1.81 5.31
C LEU A 84 -2.93 1.90 6.56
N ASP A 85 -2.32 1.87 7.75
N ASP A 85 -2.32 1.87 7.75
CA ASP A 85 -3.06 1.97 9.02
CA ASP A 85 -3.05 1.96 9.01
C ASP A 85 -3.77 3.32 9.19
C ASP A 85 -3.75 3.32 9.21
N GLU A 86 -3.17 4.38 8.67
CA GLU A 86 -3.80 5.70 8.68
C GLU A 86 -4.96 5.77 7.68
N ARG A 87 -4.79 5.12 6.52
CA ARG A 87 -5.83 5.05 5.49
C ARG A 87 -7.07 4.24 5.89
N LYS A 88 -6.94 3.37 6.89
CA LYS A 88 -8.09 2.68 7.49
C LYS A 88 -9.05 3.73 8.05
N ILE A 89 -10.26 3.79 7.50
CA ILE A 89 -11.20 4.88 7.80
C ILE A 89 -11.73 4.88 9.25
N HIS A 90 -11.81 3.70 9.85
CA HIS A 90 -12.40 3.54 11.18
C HIS A 90 -11.29 3.38 12.23
N PRO A 91 -11.57 3.76 13.50
CA PRO A 91 -10.48 3.81 14.50
C PRO A 91 -10.01 2.45 14.98
N GLY A 92 -10.93 1.49 15.11
CA GLY A 92 -10.58 0.14 15.57
C GLY A 92 -9.90 -0.70 14.50
N GLU A 93 -9.57 -1.93 14.88
CA GLU A 93 -9.01 -2.90 13.97
C GLU A 93 -10.04 -3.28 12.89
N TYR A 94 -11.31 -3.39 13.30
CA TYR A 94 -12.40 -3.79 12.40
C TYR A 94 -13.56 -2.83 12.43
N PHE A 95 -14.41 -2.94 11.42
CA PHE A 95 -15.70 -2.26 11.35
C PHE A 95 -16.80 -3.32 11.40
N THR A 96 -17.86 -3.04 12.16
CA THR A 96 -18.89 -4.03 12.46
C THR A 96 -20.13 -3.81 11.58
N LEU A 97 -20.57 -4.89 10.92
CA LEU A 97 -21.66 -4.85 9.94
C LEU A 97 -23.04 -5.24 10.47
N ILE A 98 -23.11 -5.65 11.74
CA ILE A 98 -24.35 -6.20 12.33
C ILE A 98 -24.88 -5.31 13.46
N GLY A 99 -26.14 -5.53 13.82
CA GLY A 99 -26.81 -4.76 14.88
C GLY A 99 -27.61 -3.54 14.41
N ASN A 100 -27.59 -3.26 13.11
CA ASN A 100 -28.41 -2.20 12.52
C ASN A 100 -28.81 -2.62 11.10
N SER A 101 -29.69 -1.82 10.49
CA SER A 101 -30.06 -2.03 9.09
C SER A 101 -28.86 -1.72 8.19
N PRO A 102 -28.72 -2.45 7.06
CA PRO A 102 -27.64 -2.16 6.11
C PRO A 102 -27.48 -0.66 5.79
N ARG A 103 -28.60 0.06 5.67
CA ARG A 103 -28.57 1.51 5.43
C ARG A 103 -27.85 2.23 6.56
N ASP A 104 -28.26 1.98 7.80
CA ASP A 104 -27.66 2.63 8.97
C ASP A 104 -26.18 2.28 9.15
N ILE A 105 -25.81 1.03 8.83
CA ILE A 105 -24.42 0.58 8.86
C ILE A 105 -23.59 1.37 7.84
N ARG A 106 -24.14 1.54 6.64
CA ARG A 106 -23.49 2.36 5.60
C ARG A 106 -23.24 3.79 6.07
N LEU A 107 -24.23 4.38 6.74
CA LEU A 107 -24.12 5.77 7.20
C LEU A 107 -22.96 5.90 8.17
N LYS A 108 -22.88 4.96 9.11
CA LYS A 108 -21.77 4.90 10.06
C LYS A 108 -20.42 4.75 9.34
N MET A 109 -20.36 3.81 8.38
CA MET A 109 -19.15 3.53 7.60
C MET A 109 -18.70 4.76 6.81
N CYS A 110 -19.62 5.33 6.04
CA CYS A 110 -19.31 6.46 5.15
C CYS A 110 -19.11 7.80 5.88
N GLY A 111 -19.56 7.89 7.13
CA GLY A 111 -19.26 9.04 7.98
C GLY A 111 -17.77 9.21 8.23
N TYR A 112 -17.06 8.09 8.33
CA TYR A 112 -15.61 8.09 8.50
C TYR A 112 -14.85 8.65 7.30
N GLN A 113 -15.40 8.50 6.10
CA GLN A 113 -14.81 9.07 4.88
C GLN A 113 -14.76 10.60 4.91
N ALA A 114 -15.70 11.22 5.63
CA ALA A 114 -15.73 12.67 5.80
C ALA A 114 -14.54 13.25 6.58
N TYR A 115 -13.86 12.41 7.38
CA TYR A 115 -12.64 12.83 8.10
C TYR A 115 -11.38 12.95 7.24
N PHE A 116 -11.43 12.54 5.97
CA PHE A 116 -10.27 12.65 5.06
C PHE A 116 -10.40 13.84 4.13
N SER A 117 -9.26 14.42 3.78
CA SER A 117 -9.16 15.45 2.74
C SER A 117 -8.27 14.90 1.62
N ARG A 118 -7.90 15.76 0.67
CA ARG A 118 -6.93 15.40 -0.37
C ARG A 118 -5.57 14.99 0.19
N THR A 119 -5.12 15.68 1.23
CA THR A 119 -3.75 15.53 1.74
C THR A 119 -3.61 14.87 3.11
N GLY A 120 -4.68 14.81 3.89
CA GLY A 120 -4.60 14.17 5.20
C GLY A 120 -5.94 14.08 5.90
N ARG A 121 -5.87 13.86 7.21
CA ARG A 121 -7.07 13.78 8.05
C ARG A 121 -7.59 15.16 8.41
N LYS A 122 -8.80 15.20 8.97
CA LYS A 122 -9.45 16.43 9.42
C LYS A 122 -9.69 16.36 10.93
N GLU A 123 -10.15 17.49 11.47
CA GLU A 123 -10.58 17.59 12.86
C GLU A 123 -12.08 17.36 12.91
N ILE A 124 -12.80 18.13 12.11
CA ILE A 124 -14.26 18.05 11.97
C ILE A 124 -14.56 17.38 10.62
N PRO A 125 -15.40 16.32 10.63
CA PRO A 125 -15.76 15.71 9.35
C PRO A 125 -16.62 16.64 8.51
N SER A 126 -16.34 16.67 7.20
CA SER A 126 -17.10 17.46 6.24
C SER A 126 -16.92 16.87 4.84
N GLY A 127 -17.69 17.40 3.89
CA GLY A 127 -17.51 17.07 2.48
C GLY A 127 -18.04 15.72 2.04
N ASN A 128 -17.50 15.26 0.92
CA ASN A 128 -17.95 14.04 0.24
C ASN A 128 -17.73 12.80 1.12
N ARG A 129 -18.65 11.84 1.01
CA ARG A 129 -18.62 10.59 1.77
C ARG A 129 -18.73 9.36 0.88
N THR A 130 -18.50 9.53 -0.42
CA THR A 130 -18.76 8.50 -1.41
C THR A 130 -17.52 8.39 -2.30
N LYS A 131 -16.41 8.08 -1.64
CA LYS A 131 -15.08 8.05 -2.24
C LYS A 131 -14.66 6.62 -2.53
N ARG A 132 -13.57 6.46 -3.28
CA ARG A 132 -13.01 5.15 -3.60
C ARG A 132 -12.50 4.46 -2.33
N ILE A 133 -13.10 3.31 -1.99
CA ILE A 133 -12.75 2.55 -0.78
C ILE A 133 -12.46 1.09 -1.08
N LEU A 134 -11.66 0.47 -0.22
CA LEU A 134 -11.26 -0.93 -0.32
C LEU A 134 -11.77 -1.67 0.91
N ILE A 135 -12.69 -2.61 0.71
CA ILE A 135 -13.28 -3.39 1.79
C ILE A 135 -12.62 -4.77 1.84
N ASN A 136 -12.09 -5.13 3.00
CA ASN A 136 -11.45 -6.43 3.23
C ASN A 136 -12.26 -7.26 4.21
N VAL A 137 -12.40 -8.55 3.92
CA VAL A 137 -12.90 -9.53 4.88
C VAL A 137 -11.68 -10.35 5.31
N PRO A 138 -11.28 -10.26 6.60
CA PRO A 138 -10.13 -11.05 7.09
C PRO A 138 -10.28 -12.55 6.81
N GLY A 139 -9.24 -13.15 6.24
CA GLY A 139 -9.24 -14.57 5.87
C GLY A 139 -9.76 -14.91 4.48
N ILE A 140 -10.35 -13.93 3.78
CA ILE A 140 -10.84 -14.14 2.40
C ILE A 140 -9.80 -13.61 1.40
N TYR A 141 -9.34 -14.50 0.52
CA TYR A 141 -8.39 -14.18 -0.55
C TYR A 141 -8.94 -14.58 -1.94
N SER A 142 -10.25 -14.84 -1.99
CA SER A 142 -10.91 -15.49 -3.12
C SER A 142 -11.83 -14.51 -3.85
N ASP A 143 -11.69 -14.43 -5.17
CA ASP A 143 -12.60 -13.63 -6.00
C ASP A 143 -14.00 -14.24 -6.13
N SER A 144 -14.12 -15.56 -5.93
CA SER A 144 -15.43 -16.25 -5.98
C SER A 144 -16.39 -15.72 -4.93
N PHE A 145 -15.89 -15.59 -3.70
CA PHE A 145 -16.67 -15.03 -2.59
C PHE A 145 -17.19 -13.63 -2.93
N TRP A 146 -16.27 -12.74 -3.27
CA TRP A 146 -16.60 -11.36 -3.60
C TRP A 146 -17.50 -11.24 -4.83
N ALA A 147 -17.32 -12.13 -5.80
CA ALA A 147 -18.20 -12.21 -6.97
C ALA A 147 -19.65 -12.44 -6.56
N SER A 148 -19.88 -13.33 -5.59
CA SER A 148 -21.22 -13.62 -5.04
C SER A 148 -21.86 -12.44 -4.35
N ILE A 149 -21.03 -11.69 -3.63
CA ILE A 149 -21.48 -10.52 -2.88
C ILE A 149 -21.95 -9.40 -3.82
N ILE A 150 -21.19 -9.13 -4.89
CA ILE A 150 -21.59 -8.06 -5.84
C ILE A 150 -22.67 -8.49 -6.85
N ARG A 151 -22.73 -9.79 -7.14
CA ARG A 151 -23.73 -10.37 -8.07
C ARG A 151 -25.12 -10.45 -7.44
N GLY A 152 -25.19 -10.83 -6.17
CA GLY A 152 -26.44 -10.86 -5.40
C GLY A 152 -27.08 -12.24 -5.35
N GLU B 8 13.83 15.90 10.16
CA GLU B 8 12.76 14.90 9.87
C GLU B 8 13.27 13.66 9.16
N PHE B 9 14.23 13.82 8.24
CA PHE B 9 14.88 12.67 7.57
C PHE B 9 16.08 12.17 8.39
N MET B 10 16.16 10.85 8.55
CA MET B 10 17.38 10.21 9.06
C MET B 10 18.37 10.08 7.91
N HIS B 11 19.63 9.84 8.24
CA HIS B 11 20.68 9.64 7.24
C HIS B 11 21.51 8.43 7.61
N VAL B 12 21.97 7.69 6.61
CA VAL B 12 22.85 6.53 6.81
C VAL B 12 24.24 7.05 7.16
N PHE B 13 24.90 6.39 8.10
CA PHE B 13 26.26 6.73 8.53
C PHE B 13 27.24 5.68 7.99
N ASP B 14 28.48 6.09 7.71
CA ASP B 14 29.52 5.16 7.28
C ASP B 14 30.13 4.46 8.50
N ASN B 15 31.09 3.55 8.29
CA ASN B 15 31.69 2.78 9.40
C ASN B 15 32.64 3.60 10.30
N ASN B 16 32.94 4.84 9.92
CA ASN B 16 33.60 5.80 10.82
C ASN B 16 32.62 6.73 11.56
N GLY B 17 31.32 6.54 11.37
CA GLY B 17 30.30 7.36 12.03
C GLY B 17 30.09 8.75 11.44
N ILE B 18 30.51 8.94 10.18
CA ILE B 18 30.27 10.18 9.44
C ILE B 18 28.93 10.05 8.72
N GLU B 19 28.12 11.10 8.81
CA GLU B 19 26.82 11.13 8.15
C GLU B 19 27.00 11.20 6.63
N LEU B 20 26.32 10.30 5.92
CA LEU B 20 26.31 10.28 4.45
C LEU B 20 25.18 11.14 3.90
N LYS B 21 25.33 11.55 2.63
CA LYS B 21 24.27 12.22 1.91
C LYS B 21 23.35 11.15 1.35
N ALA B 22 22.49 10.64 2.23
CA ALA B 22 21.57 9.55 1.89
C ALA B 22 20.39 9.55 2.87
N GLU B 23 19.35 10.31 2.52
CA GLU B 23 18.15 10.41 3.34
C GLU B 23 17.45 9.06 3.46
N CYS B 24 16.91 8.78 4.63
CA CYS B 24 16.13 7.57 4.84
C CYS B 24 15.20 7.74 6.04
N SER B 25 14.34 6.75 6.27
CA SER B 25 13.39 6.77 7.39
C SER B 25 12.87 5.37 7.74
N ILE B 26 12.25 5.26 8.91
CA ILE B 26 11.74 3.99 9.43
C ILE B 26 10.25 4.14 9.62
N GLY B 27 9.47 3.22 9.06
CA GLY B 27 8.01 3.30 9.19
C GLY B 27 7.24 2.30 8.37
N GLU B 28 5.92 2.37 8.53
CA GLU B 28 4.98 1.50 7.84
C GLU B 28 4.44 2.25 6.64
N GLU B 29 4.48 1.58 5.49
CA GLU B 29 4.04 2.17 4.24
C GLU B 29 3.40 1.06 3.41
N ASP B 30 2.13 1.24 3.06
CA ASP B 30 1.33 0.24 2.35
C ASP B 30 1.28 -1.13 3.07
N GLY B 31 1.18 -1.08 4.39
CA GLY B 31 1.14 -2.27 5.24
C GLY B 31 2.46 -2.99 5.46
N VAL B 32 3.56 -2.38 5.01
CA VAL B 32 4.88 -2.98 5.05
C VAL B 32 5.77 -2.09 5.91
N TYR B 33 6.37 -2.68 6.94
CA TYR B 33 7.22 -1.95 7.88
C TYR B 33 8.69 -2.17 7.54
N GLY B 34 9.46 -1.09 7.51
CA GLY B 34 10.89 -1.22 7.28
C GLY B 34 11.62 0.10 7.06
N LEU B 35 12.75 0.00 6.35
CA LEU B 35 13.61 1.13 6.03
C LEU B 35 13.25 1.64 4.64
N ILE B 36 12.87 2.92 4.54
CA ILE B 36 12.73 3.58 3.24
C ILE B 36 14.00 4.37 2.98
N LEU B 37 14.64 4.08 1.84
CA LEU B 37 15.80 4.84 1.36
C LEU B 37 15.31 5.76 0.24
N GLU B 38 15.56 7.06 0.37
CA GLU B 38 15.13 8.04 -0.63
C GLU B 38 16.04 7.99 -1.86
N SER B 39 15.51 8.48 -2.98
CA SER B 39 16.17 8.38 -4.29
C SER B 39 17.27 9.40 -4.50
N TRP B 40 18.20 9.06 -5.40
CA TRP B 40 19.31 9.93 -5.79
C TRP B 40 18.92 10.78 -6.99
N GLY B 41 19.04 12.09 -6.82
CA GLY B 41 18.93 13.06 -7.91
C GLY B 41 17.88 14.12 -7.65
N PRO B 42 17.99 15.30 -8.28
CA PRO B 42 19.07 15.65 -9.20
C PRO B 42 20.31 16.13 -8.48
N GLY B 43 21.42 16.20 -9.21
CA GLY B 43 22.66 16.69 -8.65
C GLY B 43 23.15 15.77 -7.55
N ASP B 44 23.43 16.36 -6.39
CA ASP B 44 23.95 15.65 -5.24
C ASP B 44 22.86 15.30 -4.21
N ARG B 45 21.58 15.42 -4.57
CA ARG B 45 20.50 15.03 -3.66
C ARG B 45 20.55 13.51 -3.45
N ASN B 46 20.97 13.11 -2.25
CA ASN B 46 21.22 11.71 -1.92
C ASN B 46 22.27 11.08 -2.85
N LYS B 47 23.36 11.83 -3.04
CA LYS B 47 24.57 11.41 -3.78
C LYS B 47 25.11 10.04 -3.35
N ASP B 48 25.06 9.77 -2.05
CA ASP B 48 25.68 8.57 -1.44
C ASP B 48 24.73 7.36 -1.33
N TYR B 49 23.66 7.35 -2.12
CA TYR B 49 22.69 6.24 -2.17
C TYR B 49 23.35 4.87 -2.16
N ASN B 50 24.24 4.63 -3.12
CA ASN B 50 24.83 3.31 -3.34
C ASN B 50 25.75 2.85 -2.21
N ILE B 51 26.64 3.74 -1.74
CA ILE B 51 27.51 3.40 -0.63
C ILE B 51 26.68 3.20 0.66
N ALA B 52 25.65 4.04 0.84
CA ALA B 52 24.73 3.91 1.99
C ALA B 52 24.00 2.57 2.01
N LEU B 53 23.56 2.12 0.83
CA LEU B 53 22.89 0.83 0.68
C LEU B 53 23.85 -0.37 0.88
N ASP B 54 25.13 -0.19 0.55
CA ASP B 54 26.14 -1.22 0.85
C ASP B 54 26.27 -1.42 2.36
N TYR B 55 26.39 -0.32 3.11
CA TYR B 55 26.42 -0.39 4.58
C TYR B 55 25.17 -1.06 5.15
N ILE B 56 23.99 -0.70 4.60
CA ILE B 56 22.72 -1.31 5.01
C ILE B 56 22.78 -2.83 4.82
N ILE B 57 23.24 -3.28 3.66
CA ILE B 57 23.35 -4.71 3.38
C ILE B 57 24.41 -5.38 4.27
N GLU B 58 25.57 -4.74 4.39
CA GLU B 58 26.64 -5.21 5.29
C GLU B 58 26.13 -5.43 6.71
N ARG B 59 25.40 -4.46 7.24
CA ARG B 59 24.93 -4.50 8.63
C ARG B 59 23.80 -5.52 8.83
N LEU B 60 22.87 -5.58 7.88
CA LEU B 60 21.80 -6.59 7.92
C LEU B 60 22.37 -8.01 7.99
N VAL B 61 23.35 -8.30 7.14
CA VAL B 61 24.03 -9.60 7.12
C VAL B 61 24.68 -9.90 8.47
N ASP B 62 25.43 -8.94 9.03
CA ASP B 62 26.06 -9.09 10.36
C ASP B 62 25.02 -9.22 11.49
N SER B 63 23.85 -8.63 11.30
CA SER B 63 22.72 -8.77 12.23
C SER B 63 21.87 -10.04 11.99
N GLY B 64 22.39 -11.00 11.21
CA GLY B 64 21.72 -12.29 11.03
C GLY B 64 20.60 -12.35 10.01
N VAL B 65 20.42 -11.28 9.22
CA VAL B 65 19.39 -11.23 8.19
C VAL B 65 19.99 -11.74 6.89
N SER B 66 19.42 -12.81 6.36
CA SER B 66 19.81 -13.37 5.05
C SER B 66 18.79 -13.10 3.94
N GLN B 67 17.55 -12.77 4.29
CA GLN B 67 16.49 -12.52 3.31
C GLN B 67 15.72 -11.24 3.59
N VAL B 68 15.40 -10.50 2.53
CA VAL B 68 14.61 -9.27 2.62
C VAL B 68 13.55 -9.22 1.52
N VAL B 69 12.62 -8.28 1.65
CA VAL B 69 11.67 -7.94 0.58
C VAL B 69 11.83 -6.45 0.29
N VAL B 70 12.07 -6.11 -0.99
CA VAL B 70 12.35 -4.75 -1.43
C VAL B 70 11.25 -4.34 -2.41
N TYR B 71 10.64 -3.18 -2.14
CA TYR B 71 9.54 -2.65 -2.95
C TYR B 71 9.93 -1.31 -3.56
N LEU B 72 9.60 -1.12 -4.83
CA LEU B 72 9.76 0.18 -5.50
C LEU B 72 8.71 1.11 -4.88
N ALA B 73 9.17 2.17 -4.23
CA ALA B 73 8.30 3.05 -3.45
C ALA B 73 8.32 4.51 -3.92
N SER B 74 8.65 4.73 -5.18
CA SER B 74 8.60 6.06 -5.76
C SER B 74 7.15 6.49 -5.91
N SER B 75 6.90 7.80 -5.92
CA SER B 75 5.54 8.31 -6.04
C SER B 75 4.87 7.87 -7.34
N SER B 76 5.61 7.92 -8.45
CA SER B 76 5.11 7.46 -9.75
C SER B 76 4.64 6.00 -9.72
N VAL B 77 5.48 5.15 -9.15
CA VAL B 77 5.20 3.71 -9.12
C VAL B 77 4.04 3.38 -8.16
N ARG B 78 3.98 4.04 -7.01
CA ARG B 78 2.85 3.85 -6.07
C ARG B 78 1.52 4.34 -6.64
N LYS B 79 1.56 5.41 -7.42
CA LYS B 79 0.39 5.97 -8.10
C LYS B 79 -0.15 5.01 -9.16
N HIS B 80 0.74 4.48 -10.00
CA HIS B 80 0.35 3.73 -11.20
C HIS B 80 0.31 2.21 -11.04
N MET B 81 0.92 1.65 -10.00
CA MET B 81 0.93 0.20 -9.75
C MET B 81 0.29 -0.08 -8.38
N HIS B 82 -1.01 -0.32 -8.39
CA HIS B 82 -1.78 -0.47 -7.14
C HIS B 82 -1.46 -1.77 -6.41
N SER B 83 -1.05 -2.80 -7.14
CA SER B 83 -0.62 -4.07 -6.55
C SER B 83 0.75 -3.93 -5.86
N LEU B 84 0.78 -4.20 -4.55
CA LEU B 84 2.03 -4.27 -3.80
C LEU B 84 2.94 -5.40 -4.27
N ASP B 85 2.33 -6.53 -4.68
CA ASP B 85 3.08 -7.66 -5.21
C ASP B 85 3.82 -7.31 -6.50
N GLU B 86 3.22 -6.46 -7.34
CA GLU B 86 3.88 -5.95 -8.53
C GLU B 86 4.98 -4.93 -8.21
N ARG B 87 4.76 -4.13 -7.19
CA ARG B 87 5.78 -3.16 -6.74
C ARG B 87 7.05 -3.79 -6.17
N LYS B 88 6.93 -5.01 -5.65
CA LYS B 88 8.09 -5.78 -5.21
C LYS B 88 9.04 -5.96 -6.40
N ILE B 89 10.28 -5.51 -6.25
CA ILE B 89 11.21 -5.37 -7.38
C ILE B 89 11.75 -6.69 -7.93
N HIS B 90 11.74 -7.73 -7.11
CA HIS B 90 12.40 -9.01 -7.46
C HIS B 90 11.34 -10.10 -7.68
N PRO B 91 11.65 -11.12 -8.50
CA PRO B 91 10.62 -12.09 -8.89
C PRO B 91 10.12 -12.96 -7.75
N GLY B 92 11.03 -13.51 -6.95
CA GLY B 92 10.68 -14.39 -5.84
C GLY B 92 10.11 -13.65 -4.64
N GLU B 93 9.61 -14.41 -3.68
CA GLU B 93 9.07 -13.88 -2.42
C GLU B 93 10.10 -13.06 -1.66
N TYR B 94 11.36 -13.52 -1.66
CA TYR B 94 12.45 -12.84 -0.97
C TYR B 94 13.60 -12.51 -1.92
N PHE B 95 14.40 -11.53 -1.51
CA PHE B 95 15.71 -11.28 -2.09
C PHE B 95 16.72 -11.73 -1.05
N THR B 96 17.73 -12.47 -1.50
CA THR B 96 18.68 -13.12 -0.61
C THR B 96 19.96 -12.27 -0.55
N LEU B 97 20.43 -12.02 0.66
CA LEU B 97 21.67 -11.26 0.91
C LEU B 97 22.88 -12.19 0.94
N ILE B 98 23.14 -12.85 -0.19
CA ILE B 98 24.28 -13.74 -0.36
C ILE B 98 25.03 -13.26 -1.60
N GLY B 99 26.34 -13.12 -1.48
CA GLY B 99 27.17 -12.58 -2.56
C GLY B 99 28.60 -12.44 -2.12
N ASN B 100 29.46 -12.06 -3.07
N ASN B 100 29.46 -12.06 -3.07
CA ASN B 100 30.89 -11.90 -2.80
CA ASN B 100 30.90 -11.89 -2.83
C ASN B 100 31.21 -10.72 -1.89
C ASN B 100 31.20 -10.73 -1.88
N SER B 101 30.38 -9.68 -1.95
CA SER B 101 30.48 -8.54 -1.05
C SER B 101 29.11 -7.89 -0.88
N PRO B 102 28.97 -7.02 0.13
CA PRO B 102 27.79 -6.15 0.18
C PRO B 102 27.57 -5.33 -1.09
N ARG B 103 28.66 -4.91 -1.75
CA ARG B 103 28.55 -4.14 -2.99
C ARG B 103 27.96 -4.94 -4.15
N ASP B 104 28.36 -6.21 -4.27
CA ASP B 104 27.81 -7.10 -5.30
C ASP B 104 26.33 -7.40 -5.04
N ILE B 105 25.96 -7.53 -3.77
CA ILE B 105 24.55 -7.75 -3.39
C ILE B 105 23.71 -6.52 -3.73
N ARG B 106 24.23 -5.31 -3.45
CA ARG B 106 23.55 -4.08 -3.85
C ARG B 106 23.29 -4.01 -5.34
N LEU B 107 24.31 -4.36 -6.13
CA LEU B 107 24.24 -4.31 -7.60
C LEU B 107 23.11 -5.16 -8.16
N LYS B 108 22.96 -6.37 -7.62
CA LYS B 108 21.92 -7.29 -8.06
C LYS B 108 20.54 -6.78 -7.66
N MET B 109 20.47 -6.15 -6.47
CA MET B 109 19.23 -5.56 -5.94
C MET B 109 18.79 -4.40 -6.82
N CYS B 110 19.68 -3.43 -6.99
CA CYS B 110 19.37 -2.21 -7.74
C CYS B 110 19.15 -2.44 -9.24
N GLY B 111 19.72 -3.52 -9.78
CA GLY B 111 19.43 -3.95 -11.15
C GLY B 111 17.96 -4.13 -11.44
N TYR B 112 17.23 -4.67 -10.45
CA TYR B 112 15.77 -4.86 -10.56
C TYR B 112 14.99 -3.56 -10.70
N GLN B 113 15.49 -2.48 -10.11
CA GLN B 113 14.84 -1.15 -10.21
C GLN B 113 14.76 -0.65 -11.65
N ALA B 114 15.72 -1.05 -12.48
CA ALA B 114 15.76 -0.67 -13.90
C ALA B 114 14.65 -1.27 -14.76
N TYR B 115 13.93 -2.27 -14.24
CA TYR B 115 12.77 -2.85 -14.90
C TYR B 115 11.46 -2.05 -14.69
N PHE B 116 11.51 -0.95 -13.94
CA PHE B 116 10.33 -0.10 -13.74
C PHE B 116 10.42 1.19 -14.53
N SER B 117 9.26 1.66 -15.00
CA SER B 117 9.07 3.00 -15.54
C SER B 117 8.23 3.82 -14.55
N ARG B 118 7.78 5.00 -14.97
CA ARG B 118 6.80 5.77 -14.19
C ARG B 118 5.46 5.03 -14.03
N THR B 119 5.07 4.26 -15.04
CA THR B 119 3.74 3.68 -15.10
C THR B 119 3.66 2.15 -14.97
N GLY B 120 4.79 1.45 -15.07
CA GLY B 120 4.75 -0.01 -15.02
C GLY B 120 6.09 -0.69 -15.23
N ARG B 121 6.02 -2.00 -15.51
CA ARG B 121 7.22 -2.78 -15.80
C ARG B 121 7.68 -2.51 -17.24
N LYS B 122 8.95 -2.84 -17.51
CA LYS B 122 9.54 -2.77 -18.85
C LYS B 122 10.02 -4.16 -19.23
N GLU B 123 10.12 -4.42 -20.54
CA GLU B 123 10.70 -5.66 -21.04
C GLU B 123 12.22 -5.56 -21.03
N ILE B 124 12.74 -4.48 -21.60
CA ILE B 124 14.18 -4.20 -21.60
C ILE B 124 14.49 -3.26 -20.44
N PRO B 125 15.36 -3.69 -19.49
CA PRO B 125 15.72 -2.78 -18.41
C PRO B 125 16.58 -1.62 -18.90
N SER B 126 16.41 -0.46 -18.26
CA SER B 126 17.12 0.75 -18.62
C SER B 126 16.91 1.81 -17.56
N GLY B 127 17.73 2.85 -17.63
CA GLY B 127 17.53 4.04 -16.82
C GLY B 127 17.99 3.90 -15.37
N ASN B 128 17.42 4.75 -14.53
CA ASN B 128 17.88 4.95 -13.15
C ASN B 128 17.67 3.71 -12.29
N ARG B 129 18.61 3.48 -11.36
CA ARG B 129 18.61 2.34 -10.44
C ARG B 129 18.77 2.77 -8.98
N THR B 130 18.49 4.04 -8.69
CA THR B 130 18.68 4.60 -7.37
C THR B 130 17.40 5.33 -7.01
N LYS B 131 16.32 4.55 -7.01
CA LYS B 131 14.97 5.05 -6.77
C LYS B 131 14.59 4.87 -5.32
N ARG B 132 13.48 5.50 -4.92
CA ARG B 132 12.96 5.39 -3.57
C ARG B 132 12.47 3.97 -3.35
N ILE B 133 13.09 3.25 -2.41
CA ILE B 133 12.73 1.87 -2.11
C ILE B 133 12.41 1.65 -0.64
N LEU B 134 11.59 0.64 -0.37
CA LEU B 134 11.26 0.21 0.98
C LEU B 134 11.82 -1.19 1.20
N ILE B 135 12.66 -1.34 2.22
CA ILE B 135 13.32 -2.59 2.54
C ILE B 135 12.66 -3.18 3.79
N ASN B 136 12.01 -4.32 3.64
CA ASN B 136 11.32 -5.02 4.73
C ASN B 136 12.10 -6.28 5.11
N VAL B 137 12.18 -6.55 6.42
CA VAL B 137 12.60 -7.86 6.93
C VAL B 137 11.40 -8.44 7.68
N PRO B 138 10.83 -9.56 7.18
CA PRO B 138 9.65 -10.12 7.86
C PRO B 138 9.95 -10.62 9.27
N GLY B 139 9.09 -10.27 10.22
CA GLY B 139 9.30 -10.57 11.63
C GLY B 139 10.00 -9.50 12.44
N ILE B 140 10.58 -8.49 11.79
CA ILE B 140 11.21 -7.37 12.48
C ILE B 140 10.24 -6.20 12.56
N TYR B 141 10.00 -5.70 13.78
CA TYR B 141 9.09 -4.57 14.04
C TYR B 141 9.71 -3.50 14.94
N SER B 142 11.04 -3.42 14.95
CA SER B 142 11.77 -2.57 15.89
C SER B 142 12.34 -1.34 15.19
N ASP B 143 11.98 -0.16 15.69
CA ASP B 143 12.61 1.09 15.25
C ASP B 143 14.11 1.10 15.55
N SER B 144 14.47 0.70 16.77
CA SER B 144 15.86 0.72 17.20
C SER B 144 16.73 -0.27 16.44
N PHE B 145 16.16 -1.41 16.03
CA PHE B 145 16.87 -2.34 15.14
C PHE B 145 17.25 -1.64 13.84
N TRP B 146 16.25 -1.08 13.17
CA TRP B 146 16.47 -0.36 11.93
C TRP B 146 17.38 0.87 12.11
N ALA B 147 17.26 1.54 13.27
CA ALA B 147 18.18 2.63 13.62
C ALA B 147 19.63 2.13 13.66
N SER B 148 19.87 0.95 14.24
CA SER B 148 21.20 0.35 14.28
C SER B 148 21.73 -0.01 12.87
N ILE B 149 20.84 -0.39 11.96
CA ILE B 149 21.23 -0.66 10.57
C ILE B 149 21.64 0.65 9.88
N ILE B 150 20.89 1.71 10.14
CA ILE B 150 21.11 2.99 9.49
C ILE B 150 22.44 3.60 9.92
N ARG B 151 22.70 3.68 11.22
CA ARG B 151 23.90 4.39 11.72
C ARG B 151 25.06 3.51 12.21
N GLY B 152 24.83 2.22 12.40
CA GLY B 152 25.91 1.28 12.70
C GLY B 152 26.53 1.44 14.07
N1 5CM C 5 -14.62 15.23 -3.61
C2 5CM C 5 -15.43 15.93 -4.55
N3 5CM C 5 -16.22 15.30 -5.49
C4 5CM C 5 -16.18 13.94 -5.49
C5 5CM C 5 -15.38 13.20 -4.57
C5A 5CM C 5 -15.31 11.69 -4.55
C6 5CM C 5 -14.61 13.89 -3.65
O2 5CM C 5 -15.47 17.17 -4.56
N4 5CM C 5 -16.97 13.35 -6.43
C1' 5CM C 5 -13.81 16.00 -2.63
C2' 5CM C 5 -13.92 15.50 -1.19
C3' 5CM C 5 -12.61 16.01 -0.64
C4' 5CM C 5 -11.63 15.87 -1.78
O4' 5CM C 5 -12.43 15.94 -2.98
O3' 5CM C 5 -12.78 17.39 -0.37
C5' 5CM C 5 -10.82 14.60 -1.71
O5' 5CM C 5 -11.63 13.50 -2.12
P 5CM C 5 -11.02 12.06 -2.46
OP1 5CM C 5 -10.15 11.61 -1.31
OP2 5CM C 5 -12.16 11.20 -2.92
N1 5CM D 5 -22.92 17.83 -7.20
C2 5CM D 5 -21.91 18.19 -6.26
N3 5CM D 5 -21.09 17.30 -5.63
C4 5CM D 5 -21.27 15.99 -5.94
C5 5CM D 5 -22.27 15.57 -6.88
C5A 5CM D 5 -22.50 14.13 -7.25
C6 5CM D 5 -23.07 16.54 -7.48
O2 5CM D 5 -21.73 19.38 -5.96
N4 5CM D 5 -20.42 15.15 -5.30
C1' 5CM D 5 -23.77 18.89 -7.79
C2' 5CM D 5 -24.03 18.77 -9.30
C3' 5CM D 5 -25.44 19.31 -9.45
C4' 5CM D 5 -26.09 19.15 -8.09
O4' 5CM D 5 -25.06 18.79 -7.16
O3' 5CM D 5 -25.51 20.72 -9.77
C5' 5CM D 5 -27.17 18.09 -8.07
O5' 5CM D 5 -26.63 16.88 -8.58
P 5CM D 5 -27.51 15.54 -8.67
OP1 5CM D 5 -28.66 15.82 -9.58
OP2 5CM D 5 -26.58 14.37 -8.92
N1 5CM E 5 14.54 8.96 -12.95
C2 5CM E 5 15.40 10.03 -13.26
N3 5CM E 5 16.21 10.66 -12.35
C4 5CM E 5 16.14 10.20 -11.07
C5 5CM E 5 15.29 9.14 -10.70
C5A 5CM E 5 15.19 8.60 -9.28
C6 5CM E 5 14.51 8.53 -11.67
O2 5CM E 5 15.46 10.45 -14.44
N4 5CM E 5 16.94 10.85 -10.19
C1' 5CM E 5 13.74 8.34 -14.02
C2' 5CM E 5 13.88 6.83 -14.13
C3' 5CM E 5 12.56 6.45 -14.75
C4' 5CM E 5 11.57 7.45 -14.17
O4' 5CM E 5 12.35 8.58 -13.77
O3' 5CM E 5 12.68 6.70 -16.14
C5' 5CM E 5 10.78 6.89 -12.99
O5' 5CM E 5 11.58 6.92 -11.81
P 5CM E 5 10.93 6.79 -10.35
OP1 5CM E 5 10.06 5.55 -10.31
OP2 5CM E 5 12.06 6.97 -9.36
N1 5CM F 5 22.86 13.23 -14.12
C2 5CM F 5 21.87 12.44 -14.76
N3 5CM F 5 21.07 11.53 -14.14
C4 5CM F 5 21.27 11.36 -12.81
C5 5CM F 5 22.26 12.11 -12.10
C5A 5CM F 5 22.51 11.95 -10.61
C6 5CM F 5 23.04 13.02 -12.80
O2 5CM F 5 21.65 12.57 -15.98
N4 5CM F 5 20.45 10.43 -12.23
C1' 5CM F 5 23.68 14.16 -14.92
C2' 5CM F 5 23.89 15.55 -14.30
C3' 5CM F 5 25.32 15.90 -14.71
C4' 5CM F 5 25.99 14.56 -15.01
O4' 5CM F 5 24.97 13.56 -15.06
O3' 5CM F 5 25.39 16.67 -15.92
C5' 5CM F 5 27.08 14.16 -14.01
O5' 5CM F 5 26.66 14.40 -12.68
P 5CM F 5 27.55 13.92 -11.42
OP1 5CM F 5 28.75 14.83 -11.28
OP2 5CM F 5 26.62 13.70 -10.25
#